data_2CFK
#
_entry.id   2CFK
#
_cell.length_a   157.885
_cell.length_b   62.944
_cell.length_c   92.013
_cell.angle_alpha   90.00
_cell.angle_beta   112.20
_cell.angle_gamma   90.00
#
_symmetry.space_group_name_H-M   'C 1 2 1'
#
loop_
_entity.id
_entity.type
_entity.pdbx_description
1 polymer 'Phenylethylamine oxidase'
2 non-polymer 'COPPER (II) ION'
3 non-polymer 'SODIUM ION'
4 non-polymer 'RUTHENIUM WIRE, 5 CARBON LINKER'
5 non-polymer 'SULFATE ION'
6 non-polymer GLYCEROL
7 water water
#
_entity_poly.entity_id   1
_entity_poly.type   'polypeptide(L)'
_entity_poly.pdbx_seq_one_letter_code
;PSTIQTASPFRLASAGEISEVQGILRTAGLLGPEKRIAYLGVLDPARGAGSEAEDRRFRVFIHDVSGARPQEVTVSVTNG
TVISAVELDTAATGELPVLEEEFEVVEQLLATDERWLKALAARNLDVSKVRVAPLSAGVFEYAEERGRRILRGLAFVQDF
PEDSAWAHPVDGLVAYVDVVSKEVTRVIDTGVFPVPAEHGNYTDPELTGPLRTTQKPISITQPEGPSFTVTGGNHIEWEK
WSLDVGFDVREGVVLHNIAFRDGDRLRPIINRASIAEMVVPYGDPSPIRSWQNYFDTGEYLVGQYANSLELGCDCLGDIT
YLSPVISDAFGNPREIRNGICMHEEDWGILAKHSDLWSGINYTRRNRRMVISFFTTIGN(TPQ)DYGFYWYLYLDGTIEF
EAKATGVVFTSAFPEGGSDNISQLAPGLGAPFHQHIFSARLDMAIDGFTNRVEEEDVVRQTMGPGNERGNAFSRKRTVLT
RESEAVREADARTGRTWIISNPESKNRLNEPVGYKLHAHNQPTLLADPGSSIARRAAFATKDLWVTRYADDERYPTGDFV
NQHSGGAGLPSYIAQDRDIDGQDIVVWHTFGLTHFPRVEDWPIMPVDTVGFKLRPEGFFDRSPVLDVPANPSQSGSHCHG
SNWSHPQFEK
;
_entity_poly.pdbx_strand_id   A
#
# COMPACT_ATOMS: atom_id res chain seq x y z
N ALA A 7 19.87 -11.86 -16.53
CA ALA A 7 19.52 -13.30 -16.37
C ALA A 7 18.46 -13.53 -15.28
N SER A 8 18.37 -12.63 -14.30
CA SER A 8 17.49 -12.87 -13.15
C SER A 8 16.01 -12.90 -13.54
N PRO A 9 15.31 -13.94 -13.12
CA PRO A 9 13.85 -14.00 -13.34
C PRO A 9 13.07 -12.95 -12.53
N PHE A 10 13.74 -12.24 -11.62
CA PHE A 10 13.12 -11.17 -10.83
C PHE A 10 13.40 -9.76 -11.35
N ARG A 11 13.99 -9.65 -12.53
CA ARG A 11 14.25 -8.34 -13.10
C ARG A 11 12.95 -7.60 -13.40
N LEU A 12 13.02 -6.28 -13.39
CA LEU A 12 11.91 -5.43 -13.78
C LEU A 12 11.46 -5.72 -15.20
N ALA A 13 10.17 -5.52 -15.45
CA ALA A 13 9.65 -5.61 -16.82
C ALA A 13 10.30 -4.54 -17.68
N SER A 14 10.70 -4.92 -18.89
CA SER A 14 11.26 -3.95 -19.83
C SER A 14 10.18 -3.49 -20.80
N ALA A 15 10.46 -2.37 -21.49
CA ALA A 15 9.54 -1.83 -22.47
C ALA A 15 9.29 -2.88 -23.54
N GLY A 16 10.35 -3.58 -23.91
CA GLY A 16 10.28 -4.65 -24.88
C GLY A 16 9.34 -5.77 -24.49
N GLU A 17 9.38 -6.19 -23.23
CA GLU A 17 8.48 -7.25 -22.77
C GLU A 17 7.02 -6.82 -22.84
N ILE A 18 6.74 -5.57 -22.49
CA ILE A 18 5.36 -5.08 -22.52
C ILE A 18 4.85 -5.00 -23.97
N SER A 19 5.65 -4.44 -24.88
CA SER A 19 5.26 -4.43 -26.30
C SER A 19 5.09 -5.86 -26.82
N GLU A 20 5.87 -6.81 -26.29
CA GLU A 20 5.72 -8.20 -26.73
C GLU A 20 4.42 -8.84 -26.23
N VAL A 21 4.02 -8.54 -25.00
CA VAL A 21 2.72 -8.98 -24.48
C VAL A 21 1.61 -8.44 -25.38
N GLN A 22 1.70 -7.15 -25.69
CA GLN A 22 0.77 -6.50 -26.60
C GLN A 22 0.68 -7.27 -27.91
N GLY A 23 1.83 -7.61 -28.48
CA GLY A 23 1.88 -8.31 -29.75
C GLY A 23 1.33 -9.72 -29.69
N ILE A 24 1.62 -10.43 -28.62
CA ILE A 24 1.10 -11.76 -28.43
C ILE A 24 -0.42 -11.71 -28.29
N LEU A 25 -0.92 -10.75 -27.54
CA LEU A 25 -2.37 -10.63 -27.33
C LEU A 25 -3.06 -10.27 -28.64
N ARG A 26 -2.44 -9.37 -29.38
CA ARG A 26 -2.98 -8.95 -30.67
C ARG A 26 -3.04 -10.14 -31.61
N THR A 27 -1.92 -10.86 -31.72
CA THR A 27 -1.82 -12.01 -32.61
C THR A 27 -2.87 -13.05 -32.28
N ALA A 28 -3.20 -13.17 -30.99
CA ALA A 28 -4.14 -14.18 -30.51
C ALA A 28 -5.62 -13.77 -30.59
N GLY A 29 -5.88 -12.54 -31.05
CA GLY A 29 -7.24 -12.04 -31.18
C GLY A 29 -7.84 -11.46 -29.91
N LEU A 30 -7.00 -11.19 -28.90
CA LEU A 30 -7.47 -10.76 -27.58
C LEU A 30 -7.34 -9.26 -27.33
N LEU A 31 -6.80 -8.52 -28.29
CA LEU A 31 -6.54 -7.09 -28.09
C LEU A 31 -6.85 -6.24 -29.32
N GLY A 32 -8.07 -6.39 -29.81
CA GLY A 32 -8.62 -5.54 -30.85
C GLY A 32 -8.86 -4.11 -30.37
N PRO A 33 -9.36 -3.26 -31.26
CA PRO A 33 -9.49 -1.80 -31.00
C PRO A 33 -10.44 -1.43 -29.83
N GLU A 34 -11.36 -2.31 -29.45
CA GLU A 34 -12.28 -2.05 -28.34
C GLU A 34 -11.73 -2.54 -26.99
N LYS A 35 -10.52 -3.10 -26.99
CA LYS A 35 -9.94 -3.66 -25.78
C LYS A 35 -9.07 -2.65 -25.08
N ARG A 36 -9.06 -2.71 -23.75
CA ARG A 36 -8.22 -1.84 -22.92
C ARG A 36 -7.56 -2.66 -21.81
N ILE A 37 -6.28 -2.43 -21.58
CA ILE A 37 -5.58 -3.09 -20.48
C ILE A 37 -5.83 -2.33 -19.18
N ALA A 38 -6.55 -2.97 -18.26
CA ALA A 38 -6.81 -2.42 -16.93
C ALA A 38 -5.75 -2.78 -15.89
N TYR A 39 -5.03 -3.87 -16.15
CA TYR A 39 -3.93 -4.29 -15.29
C TYR A 39 -3.00 -5.17 -16.13
N LEU A 40 -1.69 -4.98 -15.94
CA LEU A 40 -0.67 -5.82 -16.55
C LEU A 40 0.50 -5.86 -15.61
N GLY A 41 0.96 -7.08 -15.28
CA GLY A 41 2.14 -7.25 -14.46
C GLY A 41 2.80 -8.60 -14.65
N VAL A 42 4.09 -8.64 -14.36
CA VAL A 42 4.85 -9.87 -14.43
C VAL A 42 4.49 -10.76 -13.24
N LEU A 43 4.45 -12.06 -13.47
CA LEU A 43 4.21 -13.04 -12.41
C LEU A 43 5.56 -13.44 -11.84
N ASP A 44 5.60 -13.69 -10.54
CA ASP A 44 6.78 -14.24 -9.90
C ASP A 44 7.02 -15.69 -10.38
N PRO A 45 8.26 -16.14 -10.40
CA PRO A 45 8.54 -17.52 -10.76
C PRO A 45 7.88 -18.47 -9.78
N ALA A 46 7.47 -19.64 -10.24
CA ALA A 46 6.95 -20.70 -9.37
C ALA A 46 8.02 -21.19 -8.39
N ARG A 47 7.56 -21.75 -7.27
CA ARG A 47 8.43 -22.41 -6.32
C ARG A 47 9.23 -23.51 -7.00
N GLY A 48 10.55 -23.53 -6.77
CA GLY A 48 11.45 -24.53 -7.32
C GLY A 48 11.77 -24.38 -8.80
N ALA A 49 11.51 -23.20 -9.35
CA ALA A 49 11.66 -22.95 -10.79
C ALA A 49 13.08 -22.52 -11.18
N GLY A 50 13.92 -22.23 -10.19
CA GLY A 50 15.30 -21.83 -10.43
C GLY A 50 16.13 -22.84 -11.20
N SER A 51 15.76 -24.12 -11.09
CA SER A 51 16.44 -25.21 -11.82
C SER A 51 16.14 -25.18 -13.33
N GLU A 52 14.88 -24.89 -13.67
CA GLU A 52 14.46 -24.77 -15.06
C GLU A 52 14.86 -23.40 -15.66
N ALA A 53 14.84 -23.29 -16.99
CA ALA A 53 15.15 -22.03 -17.68
C ALA A 53 14.04 -21.01 -17.44
N GLU A 54 14.34 -19.74 -17.74
CA GLU A 54 13.39 -18.65 -17.52
C GLU A 54 12.08 -18.83 -18.30
N ASP A 55 10.95 -18.62 -17.61
CA ASP A 55 9.66 -18.40 -18.25
C ASP A 55 9.05 -17.14 -17.66
N ARG A 56 9.23 -16.03 -18.36
CA ARG A 56 8.62 -14.77 -17.98
C ARG A 56 7.17 -14.78 -18.39
N ARG A 57 6.30 -14.75 -17.40
CA ARG A 57 4.87 -14.75 -17.61
C ARG A 57 4.27 -13.45 -17.10
N PHE A 58 3.26 -12.96 -17.83
CA PHE A 58 2.57 -11.73 -17.50
C PHE A 58 1.09 -12.00 -17.36
N ARG A 59 0.49 -11.37 -16.36
CA ARG A 59 -0.95 -11.45 -16.12
C ARG A 59 -1.60 -10.14 -16.54
N VAL A 60 -2.72 -10.24 -17.24
CA VAL A 60 -3.37 -9.09 -17.84
C VAL A 60 -4.89 -9.18 -17.61
N PHE A 61 -5.49 -8.06 -17.22
CA PHE A 61 -6.94 -7.90 -17.14
C PHE A 61 -7.35 -7.00 -18.30
N ILE A 62 -8.20 -7.52 -19.19
CA ILE A 62 -8.57 -6.80 -20.40
C ILE A 62 -10.03 -6.39 -20.36
N HIS A 63 -10.26 -5.08 -20.41
CA HIS A 63 -11.60 -4.48 -20.44
C HIS A 63 -12.04 -4.29 -21.91
N ASP A 64 -13.33 -4.26 -22.13
CA ASP A 64 -13.90 -4.07 -23.47
C ASP A 64 -14.87 -2.88 -23.37
N VAL A 65 -14.57 -1.83 -24.11
CA VAL A 65 -15.40 -0.60 -24.08
C VAL A 65 -16.76 -0.73 -24.76
N SER A 66 -16.97 -1.78 -25.54
CA SER A 66 -18.24 -2.01 -26.20
C SER A 66 -19.26 -2.76 -25.32
N GLY A 67 -18.87 -3.10 -24.09
CA GLY A 67 -19.76 -3.74 -23.13
C GLY A 67 -19.62 -5.25 -23.05
N ALA A 68 -18.71 -5.82 -23.84
CA ALA A 68 -18.44 -7.26 -23.78
C ALA A 68 -17.75 -7.60 -22.45
N ARG A 69 -17.78 -8.89 -22.09
CA ARG A 69 -17.19 -9.33 -20.83
C ARG A 69 -15.67 -9.19 -20.88
N PRO A 70 -15.06 -8.78 -19.77
CA PRO A 70 -13.61 -8.67 -19.72
C PRO A 70 -12.97 -10.05 -19.58
N GLN A 71 -11.66 -10.10 -19.77
CA GLN A 71 -10.93 -11.35 -19.69
C GLN A 71 -9.74 -11.23 -18.74
N GLU A 72 -9.41 -12.34 -18.11
CA GLU A 72 -8.14 -12.48 -17.41
C GLU A 72 -7.27 -13.39 -18.25
N VAL A 73 -6.06 -12.93 -18.55
CA VAL A 73 -5.16 -13.61 -19.46
C VAL A 73 -3.76 -13.72 -18.86
N THR A 74 -3.16 -14.87 -19.06
CA THR A 74 -1.77 -15.09 -18.72
C THR A 74 -1.00 -15.39 -20.01
N VAL A 75 0.09 -14.66 -20.23
CA VAL A 75 0.92 -14.75 -21.43
C VAL A 75 2.34 -15.17 -21.04
N SER A 76 2.92 -16.10 -21.79
CA SER A 76 4.37 -16.34 -21.71
C SER A 76 5.09 -15.47 -22.73
N VAL A 77 5.77 -14.43 -22.27
CA VAL A 77 6.48 -13.55 -23.22
C VAL A 77 7.72 -14.22 -23.76
N THR A 78 8.30 -15.11 -22.97
CA THR A 78 9.43 -15.94 -23.39
C THR A 78 9.08 -16.76 -24.61
N ASN A 79 7.93 -17.43 -24.55
CA ASN A 79 7.53 -18.37 -25.59
C ASN A 79 6.59 -17.80 -26.65
N GLY A 80 6.13 -16.57 -26.46
CA GLY A 80 5.24 -15.92 -27.41
C GLY A 80 3.84 -16.54 -27.44
N THR A 81 3.37 -17.03 -26.30
CA THR A 81 2.11 -17.77 -26.27
C THR A 81 1.12 -17.22 -25.25
N VAL A 82 -0.16 -17.48 -25.49
CA VAL A 82 -1.17 -17.28 -24.47
C VAL A 82 -1.27 -18.59 -23.69
N ILE A 83 -0.98 -18.54 -22.39
CA ILE A 83 -1.11 -19.71 -21.51
C ILE A 83 -2.57 -19.99 -21.18
N SER A 84 -3.31 -18.95 -20.80
CA SER A 84 -4.74 -19.08 -20.46
C SER A 84 -5.48 -17.77 -20.69
N ALA A 85 -6.76 -17.86 -21.05
CA ALA A 85 -7.62 -16.70 -21.21
C ALA A 85 -9.03 -17.09 -20.79
N VAL A 86 -9.61 -16.34 -19.87
CA VAL A 86 -10.91 -16.68 -19.31
C VAL A 86 -11.80 -15.45 -19.22
N GLU A 87 -13.05 -15.59 -19.67
CA GLU A 87 -14.03 -14.51 -19.57
C GLU A 87 -14.52 -14.37 -18.14
N LEU A 88 -14.57 -13.14 -17.67
CA LEU A 88 -14.97 -12.84 -16.31
C LEU A 88 -16.44 -12.47 -16.27
N ASP A 89 -17.12 -12.95 -15.24
CA ASP A 89 -18.46 -12.53 -14.90
C ASP A 89 -18.30 -11.55 -13.73
N THR A 90 -18.33 -10.25 -14.03
CA THR A 90 -17.96 -9.25 -13.02
C THR A 90 -18.95 -9.12 -11.88
N ALA A 91 -20.21 -9.44 -12.14
CA ALA A 91 -21.21 -9.41 -11.09
C ALA A 91 -20.87 -10.41 -9.97
N ALA A 92 -20.21 -11.50 -10.36
CA ALA A 92 -19.77 -12.52 -9.42
C ALA A 92 -18.40 -12.19 -8.82
N THR A 93 -17.41 -12.04 -9.67
CA THR A 93 -16.03 -12.02 -9.18
C THR A 93 -15.44 -10.63 -9.01
N GLY A 94 -16.15 -9.60 -9.47
CA GLY A 94 -15.71 -8.21 -9.28
C GLY A 94 -15.42 -7.50 -10.58
N GLU A 95 -15.57 -6.18 -10.57
CA GLU A 95 -15.17 -5.36 -11.72
C GLU A 95 -13.68 -5.17 -11.76
N LEU A 96 -13.17 -4.89 -12.94
CA LEU A 96 -11.76 -4.62 -13.14
C LEU A 96 -11.40 -3.29 -12.47
N PRO A 97 -10.11 -3.06 -12.20
CA PRO A 97 -9.68 -1.76 -11.66
C PRO A 97 -10.13 -0.57 -12.51
N VAL A 98 -10.29 0.56 -11.84
CA VAL A 98 -10.67 1.80 -12.47
C VAL A 98 -9.60 2.15 -13.51
N LEU A 99 -10.04 2.54 -14.70
CA LEU A 99 -9.14 2.92 -15.77
C LEU A 99 -8.84 4.40 -15.67
N GLU A 100 -7.57 4.74 -15.88
CA GLU A 100 -7.14 6.13 -15.96
C GLU A 100 -8.09 6.98 -16.82
N GLU A 101 -8.49 6.43 -17.96
CA GLU A 101 -9.30 7.14 -18.94
C GLU A 101 -10.74 7.41 -18.47
N GLU A 102 -11.17 6.69 -17.43
CA GLU A 102 -12.51 6.88 -16.89
C GLU A 102 -12.63 8.08 -15.94
N PHE A 103 -11.51 8.62 -15.50
CA PHE A 103 -11.53 9.68 -14.48
C PHE A 103 -12.18 10.98 -14.90
N GLU A 104 -12.05 11.32 -16.18
CA GLU A 104 -12.65 12.53 -16.74
C GLU A 104 -14.12 12.30 -17.04
N VAL A 105 -14.49 11.04 -17.25
CA VAL A 105 -15.80 10.69 -17.76
C VAL A 105 -16.94 11.10 -16.82
N VAL A 106 -16.72 11.08 -15.52
CA VAL A 106 -17.82 11.35 -14.58
C VAL A 106 -18.25 12.81 -14.73
N GLU A 107 -17.28 13.72 -14.72
CA GLU A 107 -17.55 15.14 -14.88
C GLU A 107 -18.17 15.47 -16.24
N GLN A 108 -17.62 14.87 -17.29
CA GLN A 108 -18.07 15.08 -18.66
C GLN A 108 -19.54 14.68 -18.87
N LEU A 109 -19.93 13.52 -18.37
CA LEU A 109 -21.31 13.06 -18.53
C LEU A 109 -22.24 13.91 -17.71
N LEU A 110 -21.80 14.29 -16.52
CA LEU A 110 -22.65 15.05 -15.59
C LEU A 110 -22.92 16.44 -16.13
N ALA A 111 -21.98 16.98 -16.90
CA ALA A 111 -22.06 18.35 -17.38
C ALA A 111 -23.25 18.62 -18.34
N THR A 112 -23.80 17.59 -18.95
CA THR A 112 -25.01 17.74 -19.78
C THR A 112 -26.23 17.00 -19.21
N ASP A 113 -26.16 16.56 -17.96
CA ASP A 113 -27.31 15.94 -17.31
C ASP A 113 -28.20 16.98 -16.64
N GLU A 114 -29.50 16.94 -16.95
CA GLU A 114 -30.41 17.99 -16.51
C GLU A 114 -30.56 18.02 -14.99
N ARG A 115 -30.50 16.85 -14.35
CA ARG A 115 -30.58 16.79 -12.89
C ARG A 115 -29.38 17.42 -12.22
N TRP A 116 -28.20 17.09 -12.73
CA TRP A 116 -26.96 17.69 -12.24
C TRP A 116 -26.96 19.20 -12.44
N LEU A 117 -27.34 19.62 -13.63
CA LEU A 117 -27.37 21.05 -13.93
C LEU A 117 -28.35 21.80 -13.03
N LYS A 118 -29.46 21.17 -12.69
CA LYS A 118 -30.45 21.78 -11.81
C LYS A 118 -29.88 21.96 -10.41
N ALA A 119 -29.11 20.96 -9.97
CA ALA A 119 -28.48 20.98 -8.66
C ALA A 119 -27.44 22.10 -8.59
N LEU A 120 -26.66 22.26 -9.64
CA LEU A 120 -25.65 23.29 -9.68
C LEU A 120 -26.30 24.69 -9.73
N ALA A 121 -27.37 24.80 -10.52
CA ALA A 121 -28.08 26.08 -10.64
C ALA A 121 -28.71 26.49 -9.32
N ALA A 122 -29.17 25.53 -8.51
CA ALA A 122 -29.75 25.82 -7.19
C ALA A 122 -28.70 26.44 -6.26
N ARG A 123 -27.43 26.18 -6.55
CA ARG A 123 -26.29 26.66 -5.76
C ARG A 123 -25.52 27.78 -6.45
N ASN A 124 -26.00 28.22 -7.60
CA ASN A 124 -25.42 29.32 -8.36
C ASN A 124 -23.98 29.07 -8.74
N LEU A 125 -23.73 27.83 -9.17
CA LEU A 125 -22.40 27.37 -9.57
C LEU A 125 -22.33 27.17 -11.08
N ASP A 126 -21.30 27.76 -11.68
CA ASP A 126 -21.01 27.68 -13.09
C ASP A 126 -20.47 26.28 -13.38
N VAL A 127 -21.17 25.54 -14.25
CA VAL A 127 -20.80 24.16 -14.55
C VAL A 127 -19.37 24.03 -15.07
N SER A 128 -18.89 25.05 -15.77
CA SER A 128 -17.51 25.03 -16.28
C SER A 128 -16.45 25.04 -15.16
N LYS A 129 -16.87 25.48 -13.97
CA LYS A 129 -16.00 25.55 -12.80
C LYS A 129 -16.13 24.37 -11.84
N VAL A 130 -17.01 23.42 -12.13
CA VAL A 130 -17.27 22.32 -11.21
C VAL A 130 -16.48 21.07 -11.60
N ARG A 131 -15.52 20.71 -10.75
CA ARG A 131 -14.74 19.50 -10.91
C ARG A 131 -15.50 18.37 -10.24
N VAL A 132 -15.44 17.18 -10.81
CA VAL A 132 -16.07 16.01 -10.23
C VAL A 132 -15.04 14.92 -10.05
N ALA A 133 -14.87 14.50 -8.80
CA ALA A 133 -13.97 13.40 -8.46
C ALA A 133 -14.60 12.07 -8.88
N PRO A 134 -13.83 11.25 -9.57
CA PRO A 134 -14.28 9.92 -10.02
C PRO A 134 -13.99 8.87 -8.97
N LEU A 135 -14.99 8.54 -8.18
CA LEU A 135 -14.78 7.83 -6.94
C LEU A 135 -15.33 6.42 -7.02
N SER A 136 -14.61 5.46 -6.43
CA SER A 136 -15.05 4.08 -6.49
C SER A 136 -16.39 3.97 -5.78
N ALA A 137 -17.21 3.04 -6.24
CA ALA A 137 -18.61 2.97 -5.85
C ALA A 137 -18.89 2.02 -4.68
N GLY A 138 -18.09 0.98 -4.55
CA GLY A 138 -18.36 -0.07 -3.58
C GLY A 138 -19.64 -0.81 -3.91
N VAL A 139 -20.21 -1.46 -2.90
CA VAL A 139 -21.38 -2.31 -3.05
C VAL A 139 -22.37 -1.97 -1.93
N PHE A 140 -23.51 -1.39 -2.31
CA PHE A 140 -24.56 -1.01 -1.37
C PHE A 140 -25.91 -1.55 -1.85
N GLU A 141 -26.97 -0.75 -1.80
CA GLU A 141 -28.34 -1.29 -1.91
C GLU A 141 -28.91 -1.16 -3.35
N TYR A 142 -28.10 -0.67 -4.28
CA TYR A 142 -28.56 -0.33 -5.63
C TYR A 142 -28.44 -1.52 -6.59
N ALA A 143 -29.54 -2.27 -6.72
CA ALA A 143 -29.55 -3.52 -7.51
C ALA A 143 -29.07 -3.36 -8.96
N GLU A 144 -29.37 -2.22 -9.56
CA GLU A 144 -29.04 -1.95 -10.96
C GLU A 144 -27.52 -1.86 -11.23
N GLU A 145 -26.73 -1.64 -10.17
CA GLU A 145 -25.27 -1.52 -10.29
C GLU A 145 -24.54 -2.87 -10.40
N ARG A 146 -25.23 -3.94 -10.05
CA ARG A 146 -24.62 -5.28 -10.05
C ARG A 146 -24.29 -5.73 -11.51
N GLY A 147 -23.01 -5.96 -11.79
CA GLY A 147 -22.55 -6.25 -13.14
C GLY A 147 -22.23 -5.04 -14.02
N ARG A 148 -22.44 -3.84 -13.51
CA ARG A 148 -22.16 -2.60 -14.23
C ARG A 148 -20.95 -1.89 -13.63
N ARG A 149 -20.17 -1.21 -14.48
CA ARG A 149 -19.02 -0.40 -14.04
C ARG A 149 -19.51 0.98 -13.66
N ILE A 150 -19.59 1.25 -12.36
CA ILE A 150 -20.12 2.50 -11.84
C ILE A 150 -19.01 3.29 -11.17
N LEU A 151 -19.02 4.62 -11.35
CA LEU A 151 -18.27 5.53 -10.49
C LEU A 151 -19.24 6.53 -9.90
N ARG A 152 -18.97 6.99 -8.69
CA ARG A 152 -19.77 8.03 -8.06
C ARG A 152 -18.99 9.33 -8.12
N GLY A 153 -19.69 10.45 -8.19
CA GLY A 153 -19.06 11.74 -8.34
C GLY A 153 -19.42 12.68 -7.22
N LEU A 154 -18.42 13.30 -6.61
CA LEU A 154 -18.63 14.37 -5.66
C LEU A 154 -17.98 15.61 -6.27
N ALA A 155 -18.64 16.75 -6.09
CA ALA A 155 -18.27 17.99 -6.76
C ALA A 155 -17.46 18.94 -5.89
N PHE A 156 -16.52 19.65 -6.53
CA PHE A 156 -15.65 20.64 -5.89
C PHE A 156 -15.51 21.77 -6.88
N VAL A 157 -15.67 23.00 -6.41
CA VAL A 157 -15.57 24.16 -7.28
C VAL A 157 -14.13 24.66 -7.39
N GLN A 158 -13.72 24.97 -8.62
CA GLN A 158 -12.40 25.53 -8.92
C GLN A 158 -12.65 26.95 -9.46
N ASP A 159 -12.28 27.96 -8.70
CA ASP A 159 -12.55 29.36 -9.06
C ASP A 159 -11.80 29.83 -10.29
N PHE A 160 -10.64 29.23 -10.53
CA PHE A 160 -9.81 29.55 -11.69
C PHE A 160 -8.86 28.35 -11.92
N PRO A 161 -8.19 28.26 -13.08
CA PRO A 161 -7.42 27.05 -13.42
C PRO A 161 -6.43 26.53 -12.37
N GLU A 162 -5.80 27.43 -11.62
CA GLU A 162 -4.78 27.04 -10.62
C GLU A 162 -5.33 26.98 -9.17
N ASP A 163 -6.64 27.05 -9.03
CA ASP A 163 -7.28 27.02 -7.71
C ASP A 163 -7.37 25.60 -7.18
N SER A 164 -7.28 25.46 -5.85
CA SER A 164 -7.38 24.18 -5.19
C SER A 164 -8.86 23.93 -4.93
N ALA A 165 -9.44 23.01 -5.69
CA ALA A 165 -10.88 22.79 -5.67
C ALA A 165 -11.32 22.23 -4.33
N TRP A 166 -10.40 21.59 -3.63
CA TRP A 166 -10.68 20.92 -2.35
C TRP A 166 -11.18 21.91 -1.28
N ALA A 167 -10.84 23.18 -1.45
CA ALA A 167 -11.33 24.24 -0.55
C ALA A 167 -12.84 24.50 -0.67
N HIS A 168 -13.46 24.03 -1.76
CA HIS A 168 -14.80 24.40 -2.14
C HIS A 168 -15.70 23.17 -2.41
N PRO A 169 -15.84 22.27 -1.43
CA PRO A 169 -16.70 21.10 -1.63
C PRO A 169 -18.13 21.52 -1.83
N VAL A 170 -18.88 20.77 -2.65
CA VAL A 170 -20.31 20.98 -2.86
C VAL A 170 -21.07 19.87 -2.17
N ASP A 171 -21.46 20.12 -0.92
CA ASP A 171 -22.10 19.10 -0.10
C ASP A 171 -23.57 19.00 -0.41
N GLY A 172 -24.17 17.88 -0.03
CA GLY A 172 -25.58 17.64 -0.26
C GLY A 172 -25.86 17.10 -1.64
N LEU A 173 -24.81 16.77 -2.39
CA LEU A 173 -24.98 16.38 -3.79
C LEU A 173 -24.01 15.27 -4.13
N VAL A 174 -24.54 14.21 -4.72
CA VAL A 174 -23.75 13.10 -5.22
C VAL A 174 -24.43 12.51 -6.46
N ALA A 175 -23.63 12.00 -7.40
CA ALA A 175 -24.16 11.39 -8.60
C ALA A 175 -23.47 10.06 -8.89
N TYR A 176 -24.20 9.17 -9.55
CA TYR A 176 -23.71 7.84 -9.89
C TYR A 176 -23.74 7.71 -11.43
N VAL A 177 -22.71 7.14 -12.01
CA VAL A 177 -22.57 7.10 -13.46
C VAL A 177 -22.08 5.72 -13.94
N ASP A 178 -22.69 5.22 -15.01
CA ASP A 178 -22.25 4.03 -15.68
C ASP A 178 -21.24 4.45 -16.74
N VAL A 179 -19.96 4.18 -16.49
CA VAL A 179 -18.88 4.66 -17.37
C VAL A 179 -18.70 3.90 -18.69
N VAL A 180 -19.41 2.78 -18.86
CA VAL A 180 -19.38 2.03 -20.12
C VAL A 180 -20.52 2.42 -21.03
N SER A 181 -21.75 2.36 -20.53
CA SER A 181 -22.91 2.79 -21.30
C SER A 181 -22.96 4.32 -21.39
N LYS A 182 -22.17 4.99 -20.56
CA LYS A 182 -22.10 6.45 -20.51
C LYS A 182 -23.46 7.04 -20.21
N GLU A 183 -24.04 6.60 -19.09
CA GLU A 183 -25.33 7.06 -18.57
C GLU A 183 -25.20 7.50 -17.13
N VAL A 184 -25.90 8.57 -16.75
CA VAL A 184 -26.04 8.95 -15.36
C VAL A 184 -27.21 8.19 -14.73
N THR A 185 -26.92 7.30 -13.79
CA THR A 185 -27.97 6.47 -13.20
C THR A 185 -28.78 7.15 -12.10
N ARG A 186 -28.12 7.96 -11.28
CA ARG A 186 -28.80 8.66 -10.20
C ARG A 186 -28.13 10.00 -9.90
N VAL A 187 -28.93 10.98 -9.57
CA VAL A 187 -28.42 12.24 -9.02
C VAL A 187 -29.18 12.49 -7.72
N ILE A 188 -28.45 12.57 -6.62
CA ILE A 188 -29.05 12.72 -5.30
C ILE A 188 -28.71 14.09 -4.75
N ASP A 189 -29.75 14.87 -4.43
CA ASP A 189 -29.58 16.20 -3.88
C ASP A 189 -30.36 16.25 -2.57
N THR A 190 -29.65 16.22 -1.44
CA THR A 190 -30.31 16.23 -0.12
C THR A 190 -30.57 17.63 0.42
N GLY A 191 -30.11 18.63 -0.32
CA GLY A 191 -30.29 20.02 0.04
C GLY A 191 -29.00 20.78 -0.09
N VAL A 192 -29.12 22.09 -0.21
CA VAL A 192 -27.97 22.95 -0.39
C VAL A 192 -27.23 23.14 0.94
N PHE A 193 -25.91 23.14 0.86
CA PHE A 193 -25.03 23.59 1.92
C PHE A 193 -24.22 24.75 1.34
N PRO A 194 -23.82 25.70 2.17
CA PRO A 194 -22.90 26.74 1.70
C PRO A 194 -21.63 26.10 1.17
N VAL A 195 -21.17 26.55 0.01
CA VAL A 195 -19.88 26.11 -0.52
C VAL A 195 -18.83 26.99 0.12
N PRO A 196 -17.91 26.40 0.89
CA PRO A 196 -16.90 27.19 1.60
C PRO A 196 -16.14 28.10 0.64
N ALA A 197 -15.92 29.35 1.06
CA ALA A 197 -15.44 30.40 0.15
C ALA A 197 -13.93 30.66 0.23
N GLU A 198 -13.31 30.44 1.40
CA GLU A 198 -11.87 30.74 1.51
C GLU A 198 -11.09 29.87 0.57
N HIS A 199 -10.06 30.42 -0.06
CA HIS A 199 -9.19 29.61 -0.88
C HIS A 199 -8.18 28.82 -0.03
N GLY A 200 -7.64 27.75 -0.64
CA GLY A 200 -6.69 26.87 -0.01
C GLY A 200 -5.43 26.75 -0.85
N ASN A 201 -5.03 27.88 -1.42
CA ASN A 201 -3.90 27.91 -2.34
C ASN A 201 -2.57 28.15 -1.62
N TYR A 202 -1.91 27.04 -1.31
CA TYR A 202 -0.70 27.01 -0.50
C TYR A 202 0.55 27.53 -1.25
N THR A 203 0.42 27.90 -2.53
CA THR A 203 1.48 28.68 -3.21
C THR A 203 1.16 30.17 -3.39
N ASP A 204 -0.01 30.61 -2.97
CA ASP A 204 -0.39 32.03 -3.05
C ASP A 204 0.28 32.83 -1.92
N PRO A 205 1.12 33.83 -2.25
CA PRO A 205 1.78 34.67 -1.24
C PRO A 205 0.87 35.31 -0.20
N GLU A 206 -0.39 35.57 -0.55
CA GLU A 206 -1.38 36.11 0.39
C GLU A 206 -1.66 35.17 1.56
N LEU A 207 -1.57 33.86 1.31
CA LEU A 207 -1.82 32.87 2.34
C LEU A 207 -0.54 32.42 3.06
N THR A 208 0.55 32.24 2.31
CA THR A 208 1.81 31.79 2.88
C THR A 208 2.46 32.92 3.68
N GLY A 209 2.24 34.16 3.25
CA GLY A 209 3.04 35.29 3.67
C GLY A 209 4.41 35.23 3.04
N PRO A 210 5.30 36.14 3.44
CA PRO A 210 6.68 36.12 2.95
C PRO A 210 7.34 34.80 3.31
N LEU A 211 7.99 34.16 2.36
CA LEU A 211 8.63 32.89 2.62
C LEU A 211 9.82 33.08 3.54
N ARG A 212 10.09 32.08 4.38
CA ARG A 212 11.21 32.12 5.31
C ARG A 212 12.51 32.27 4.58
N THR A 213 13.40 33.08 5.14
CA THR A 213 14.76 33.23 4.63
C THR A 213 15.79 32.66 5.61
N THR A 214 15.31 31.89 6.60
CA THR A 214 16.12 31.46 7.73
C THR A 214 16.75 30.07 7.57
N GLN A 215 16.30 29.30 6.58
CA GLN A 215 16.82 27.95 6.40
C GLN A 215 18.12 28.01 5.62
N LYS A 216 19.20 27.63 6.29
CA LYS A 216 20.51 27.48 5.66
C LYS A 216 20.61 26.10 5.05
N PRO A 217 21.36 25.96 3.96
CA PRO A 217 21.48 24.66 3.29
C PRO A 217 22.07 23.53 4.15
N ILE A 218 21.56 22.34 3.87
CA ILE A 218 22.12 21.10 4.38
C ILE A 218 22.57 20.33 3.14
N SER A 219 23.82 19.93 3.11
CA SER A 219 24.38 19.23 1.96
C SER A 219 24.73 17.81 2.39
N ILE A 220 24.14 16.84 1.71
CA ILE A 220 24.45 15.44 1.95
C ILE A 220 25.06 14.86 0.70
N THR A 221 26.33 14.49 0.79
CA THR A 221 27.05 13.94 -0.34
C THR A 221 27.77 12.67 0.04
N GLN A 222 28.13 11.91 -0.98
CA GLN A 222 28.94 10.73 -0.85
C GLN A 222 30.07 10.89 -1.88
N PRO A 223 31.22 11.36 -1.43
CA PRO A 223 32.31 11.68 -2.36
C PRO A 223 32.88 10.46 -3.09
N GLU A 224 32.73 9.27 -2.53
CA GLU A 224 33.17 8.03 -3.17
C GLU A 224 32.02 7.22 -3.77
N GLY A 225 30.78 7.80 -3.75
CA GLY A 225 29.61 7.10 -4.24
C GLY A 225 28.91 6.32 -3.12
N PRO A 226 27.85 5.63 -3.49
CA PRO A 226 27.09 4.86 -2.50
C PRO A 226 27.77 3.53 -2.21
N SER A 227 27.43 2.98 -1.05
CA SER A 227 27.96 1.71 -0.55
C SER A 227 27.19 0.51 -1.08
N PHE A 228 26.06 0.76 -1.73
CA PHE A 228 25.33 -0.32 -2.41
C PHE A 228 25.68 -0.41 -3.89
N THR A 229 25.53 -1.62 -4.43
CA THR A 229 25.66 -1.86 -5.86
C THR A 229 24.31 -2.27 -6.43
N VAL A 230 24.10 -1.90 -7.67
CA VAL A 230 22.94 -2.35 -8.43
C VAL A 230 23.44 -3.11 -9.65
N THR A 231 23.00 -4.37 -9.79
CA THR A 231 23.33 -5.21 -10.94
C THR A 231 22.06 -5.85 -11.49
N GLY A 232 22.10 -6.23 -12.76
CA GLY A 232 20.93 -6.78 -13.43
C GLY A 232 19.71 -5.87 -13.38
N GLY A 233 19.92 -4.56 -13.30
CA GLY A 233 18.83 -3.60 -13.29
C GLY A 233 18.22 -3.29 -11.93
N ASN A 234 18.10 -4.31 -11.08
CA ASN A 234 17.34 -4.17 -9.85
C ASN A 234 17.77 -5.06 -8.71
N HIS A 235 18.92 -5.69 -8.82
CA HIS A 235 19.48 -6.48 -7.73
C HIS A 235 20.40 -5.59 -6.89
N ILE A 236 20.03 -5.45 -5.61
CA ILE A 236 20.78 -4.63 -4.66
C ILE A 236 21.64 -5.48 -3.74
N GLU A 237 22.88 -5.06 -3.57
CA GLU A 237 23.74 -5.60 -2.50
C GLU A 237 24.23 -4.44 -1.63
N TRP A 238 23.97 -4.52 -0.34
CA TRP A 238 24.33 -3.45 0.59
C TRP A 238 24.58 -3.96 1.99
N GLU A 239 25.81 -3.81 2.50
CA GLU A 239 26.14 -4.10 3.91
C GLU A 239 25.55 -5.44 4.37
N LYS A 240 25.84 -6.48 3.58
CA LYS A 240 25.48 -7.88 3.85
C LYS A 240 24.09 -8.22 3.33
N TRP A 241 23.24 -7.24 3.08
CA TRP A 241 21.91 -7.50 2.51
C TRP A 241 21.97 -7.74 1.01
N SER A 242 21.04 -8.56 0.55
CA SER A 242 20.84 -8.91 -0.85
C SER A 242 19.33 -8.89 -1.08
N LEU A 243 18.87 -8.26 -2.17
CA LEU A 243 17.46 -8.28 -2.55
C LEU A 243 17.28 -7.84 -3.98
N ASP A 244 16.07 -8.03 -4.49
CA ASP A 244 15.69 -7.55 -5.81
C ASP A 244 14.52 -6.61 -5.63
N VAL A 245 14.60 -5.45 -6.28
CA VAL A 245 13.55 -4.45 -6.17
C VAL A 245 12.62 -4.55 -7.37
N GLY A 246 11.44 -5.10 -7.14
CA GLY A 246 10.40 -5.19 -8.14
C GLY A 246 9.46 -4.00 -8.11
N PHE A 247 8.63 -3.95 -9.14
CA PHE A 247 7.61 -2.93 -9.25
C PHE A 247 6.42 -3.50 -10.01
N ASP A 248 5.25 -3.28 -9.43
CA ASP A 248 4.01 -3.75 -9.98
C ASP A 248 3.03 -2.58 -9.98
N VAL A 249 2.23 -2.49 -11.01
CA VAL A 249 1.34 -1.36 -11.20
C VAL A 249 0.27 -1.32 -10.08
N ARG A 250 -0.08 -2.46 -9.52
CA ARG A 250 -1.03 -2.47 -8.40
C ARG A 250 -0.35 -2.17 -7.07
N GLU A 251 0.64 -2.97 -6.72
CA GLU A 251 1.24 -2.92 -5.39
C GLU A 251 2.29 -1.85 -5.24
N GLY A 252 2.87 -1.39 -6.34
CA GLY A 252 4.01 -0.50 -6.28
C GLY A 252 5.29 -1.27 -6.10
N VAL A 253 6.23 -0.70 -5.33
CA VAL A 253 7.51 -1.36 -5.05
C VAL A 253 7.26 -2.65 -4.28
N VAL A 254 7.85 -3.73 -4.77
CA VAL A 254 7.77 -5.05 -4.16
C VAL A 254 9.20 -5.54 -3.95
N LEU A 255 9.54 -6.00 -2.74
CA LEU A 255 10.88 -6.53 -2.49
C LEU A 255 10.86 -8.06 -2.59
N HIS A 256 11.84 -8.61 -3.28
CA HIS A 256 11.97 -10.05 -3.46
C HIS A 256 13.28 -10.53 -2.89
N ASN A 257 13.31 -11.75 -2.39
CA ASN A 257 14.57 -12.40 -2.00
C ASN A 257 15.42 -11.60 -1.00
N ILE A 258 14.79 -11.08 0.04
CA ILE A 258 15.53 -10.37 1.08
C ILE A 258 16.32 -11.40 1.84
N ALA A 259 17.63 -11.23 1.83
CA ALA A 259 18.54 -12.18 2.46
C ALA A 259 19.75 -11.43 3.03
N PHE A 260 20.45 -12.07 3.95
CA PHE A 260 21.57 -11.47 4.67
C PHE A 260 22.77 -12.44 4.61
N ARG A 261 23.92 -11.92 4.23
CA ARG A 261 25.15 -12.71 4.11
C ARG A 261 25.83 -12.77 5.47
N ASP A 262 25.72 -13.91 6.11
CA ASP A 262 26.25 -14.12 7.43
C ASP A 262 27.46 -15.03 7.29
N GLY A 263 28.65 -14.45 7.34
CA GLY A 263 29.86 -15.18 7.03
C GLY A 263 29.83 -15.56 5.55
N ASP A 264 29.88 -16.85 5.27
CA ASP A 264 29.90 -17.33 3.89
C ASP A 264 28.50 -17.63 3.33
N ARG A 265 27.49 -17.73 4.22
CA ARG A 265 26.17 -18.21 3.85
C ARG A 265 25.18 -17.07 3.61
N LEU A 266 24.52 -17.11 2.46
CA LEU A 266 23.42 -16.20 2.15
C LEU A 266 22.16 -16.78 2.76
N ARG A 267 21.65 -16.12 3.80
CA ARG A 267 20.53 -16.61 4.57
C ARG A 267 19.25 -15.86 4.20
N PRO A 268 18.28 -16.56 3.61
CA PRO A 268 16.99 -15.92 3.31
C PRO A 268 16.29 -15.45 4.59
N ILE A 269 15.52 -14.38 4.47
CA ILE A 269 14.69 -13.86 5.55
C ILE A 269 13.24 -13.70 5.07
N ILE A 270 13.04 -12.90 4.03
CA ILE A 270 11.71 -12.71 3.45
C ILE A 270 11.75 -12.96 1.94
N ASN A 271 10.89 -13.83 1.46
CA ASN A 271 10.84 -14.15 0.05
C ASN A 271 10.16 -13.04 -0.79
N ARG A 272 9.11 -12.45 -0.26
CA ARG A 272 8.41 -11.35 -0.92
C ARG A 272 7.74 -10.46 0.09
N ALA A 273 7.96 -9.16 -0.04
CA ALA A 273 7.35 -8.16 0.85
C ALA A 273 6.66 -7.12 -0.01
N SER A 274 5.40 -6.87 0.28
CA SER A 274 4.64 -5.86 -0.44
C SER A 274 3.55 -5.29 0.43
N ILE A 275 3.03 -4.15 0.02
CA ILE A 275 1.77 -3.63 0.53
C ILE A 275 0.71 -4.14 -0.46
N ALA A 276 -0.03 -5.15 -0.04
CA ALA A 276 -0.91 -5.87 -0.95
C ALA A 276 -2.30 -5.27 -1.02
N GLU A 277 -2.60 -4.35 -0.10
CA GLU A 277 -3.82 -3.57 -0.13
C GLU A 277 -3.70 -2.34 0.76
N MET A 278 -4.47 -1.32 0.44
CA MET A 278 -4.67 -0.21 1.33
C MET A 278 -6.05 0.36 1.12
N VAL A 279 -6.73 0.67 2.21
CA VAL A 279 -8.10 1.15 2.13
C VAL A 279 -8.27 2.38 2.99
N VAL A 280 -9.08 3.31 2.51
CA VAL A 280 -9.39 4.54 3.24
C VAL A 280 -10.90 4.61 3.46
N PRO A 281 -11.38 4.01 4.56
CA PRO A 281 -12.80 4.09 4.92
C PRO A 281 -13.20 5.38 5.61
N TYR A 282 -14.31 5.99 5.18
CA TYR A 282 -14.80 7.22 5.80
C TYR A 282 -15.91 6.96 6.82
N GLY A 283 -15.87 7.76 7.89
CA GLY A 283 -16.70 7.58 9.06
C GLY A 283 -17.82 8.61 9.23
N ASP A 284 -18.19 9.28 8.14
CA ASP A 284 -19.29 10.24 8.11
C ASP A 284 -20.57 9.53 7.64
N PRO A 285 -21.60 9.48 8.48
CA PRO A 285 -22.84 8.80 8.09
C PRO A 285 -23.74 9.58 7.11
N SER A 286 -23.36 10.76 6.65
CA SER A 286 -24.14 11.46 5.63
C SER A 286 -24.25 10.57 4.41
N PRO A 287 -25.43 10.48 3.78
CA PRO A 287 -25.55 9.68 2.54
C PRO A 287 -24.69 10.20 1.38
N ILE A 288 -24.23 11.45 1.49
CA ILE A 288 -23.36 12.01 0.48
C ILE A 288 -22.00 11.30 0.45
N ARG A 289 -21.54 10.82 1.61
CA ARG A 289 -20.23 10.18 1.70
C ARG A 289 -20.22 8.81 2.40
N SER A 290 -21.36 8.29 2.87
CA SER A 290 -21.30 7.08 3.70
C SER A 290 -20.89 5.79 2.96
N TRP A 291 -20.89 5.87 1.62
CA TRP A 291 -20.46 4.79 0.71
C TRP A 291 -18.94 4.85 0.42
N GLN A 292 -18.25 5.88 0.92
CA GLN A 292 -16.85 6.18 0.54
C GLN A 292 -15.85 5.25 1.21
N ASN A 293 -15.18 4.42 0.42
CA ASN A 293 -14.04 3.61 0.88
C ASN A 293 -13.10 3.41 -0.28
N TYR A 294 -11.92 4.04 -0.23
CA TYR A 294 -11.03 3.97 -1.37
C TYR A 294 -9.99 2.90 -1.14
N PHE A 295 -10.06 1.84 -1.93
CA PHE A 295 -9.01 0.83 -1.95
C PHE A 295 -7.97 1.33 -2.96
N ASP A 296 -7.05 2.15 -2.49
CA ASP A 296 -6.13 2.79 -3.41
C ASP A 296 -5.30 1.77 -4.21
N THR A 297 -4.88 0.69 -3.56
CA THR A 297 -4.11 -0.37 -4.19
C THR A 297 -5.01 -1.23 -5.09
N GLY A 298 -6.07 -1.80 -4.54
CA GLY A 298 -6.91 -2.76 -5.25
C GLY A 298 -7.80 -2.19 -6.35
N GLU A 299 -8.37 -1.01 -6.11
CA GLU A 299 -9.28 -0.37 -7.06
C GLU A 299 -8.57 0.57 -8.05
N TYR A 300 -7.62 1.35 -7.55
CA TYR A 300 -6.99 2.39 -8.37
C TYR A 300 -5.63 2.01 -8.95
N LEU A 301 -4.91 1.13 -8.28
CA LEU A 301 -3.55 0.67 -8.61
C LEU A 301 -2.53 1.77 -8.31
N VAL A 302 -1.92 1.74 -7.12
CA VAL A 302 -1.02 2.81 -6.67
C VAL A 302 0.26 2.96 -7.48
N GLY A 303 0.77 1.85 -8.00
CA GLY A 303 1.95 1.89 -8.85
C GLY A 303 1.76 2.76 -10.08
N GLN A 304 0.56 2.72 -10.65
CA GLN A 304 0.24 3.43 -11.89
C GLN A 304 0.44 4.95 -11.74
N TYR A 305 0.23 5.45 -10.52
CA TYR A 305 0.27 6.89 -10.21
C TYR A 305 1.53 7.35 -9.48
N ALA A 306 2.55 6.50 -9.50
CA ALA A 306 3.84 6.83 -8.91
C ALA A 306 4.36 8.10 -9.54
N ASN A 307 4.84 9.00 -8.70
CA ASN A 307 5.36 10.27 -9.12
C ASN A 307 6.77 10.08 -9.73
N SER A 308 7.13 10.95 -10.67
CA SER A 308 8.54 11.13 -11.03
C SER A 308 9.19 12.00 -9.94
N LEU A 309 10.19 11.45 -9.25
CA LEU A 309 10.77 12.05 -8.06
C LEU A 309 12.00 12.88 -8.40
N GLU A 310 11.97 14.16 -8.04
CA GLU A 310 13.00 15.13 -8.44
C GLU A 310 14.13 15.16 -7.41
N LEU A 311 15.36 15.30 -7.91
CA LEU A 311 16.55 15.24 -7.07
C LEU A 311 16.69 16.48 -6.18
N GLY A 312 17.15 16.25 -4.94
CA GLY A 312 17.36 17.29 -3.96
C GLY A 312 16.06 17.87 -3.43
N CYS A 313 14.98 17.18 -3.75
CA CYS A 313 13.65 17.68 -3.50
C CYS A 313 12.80 16.57 -2.88
N ASP A 314 12.45 15.57 -3.67
CA ASP A 314 11.73 14.40 -3.16
C ASP A 314 12.70 13.44 -2.47
N CYS A 315 13.89 13.30 -3.03
CA CYS A 315 14.91 12.40 -2.50
C CYS A 315 16.23 13.14 -2.40
N LEU A 316 16.80 13.15 -1.20
CA LEU A 316 17.98 13.97 -0.89
C LEU A 316 19.20 13.10 -0.61
N GLY A 317 20.34 13.49 -1.18
CA GLY A 317 21.59 12.76 -1.03
C GLY A 317 22.08 12.19 -2.35
N ASP A 318 22.87 11.12 -2.27
CA ASP A 318 23.36 10.43 -3.45
C ASP A 318 22.34 9.36 -3.81
N ILE A 319 21.47 9.67 -4.76
CA ILE A 319 20.33 8.83 -5.10
C ILE A 319 20.60 8.02 -6.35
N THR A 320 20.24 6.74 -6.32
CA THR A 320 20.17 5.91 -7.52
C THR A 320 18.69 5.67 -7.80
N TYR A 321 18.25 5.99 -9.01
CA TYR A 321 16.85 5.83 -9.40
C TYR A 321 16.63 4.57 -10.22
N LEU A 322 15.45 3.97 -10.07
CA LEU A 322 14.93 3.05 -11.06
C LEU A 322 13.74 3.74 -11.74
N SER A 323 13.54 3.42 -13.02
CA SER A 323 12.46 3.96 -13.82
C SER A 323 11.66 2.80 -14.35
N PRO A 324 10.68 2.34 -13.56
CA PRO A 324 9.90 1.16 -13.94
C PRO A 324 9.00 1.43 -15.13
N VAL A 325 8.71 0.39 -15.88
CA VAL A 325 7.91 0.50 -17.08
C VAL A 325 6.60 -0.20 -16.80
N ILE A 326 5.52 0.46 -17.18
CA ILE A 326 4.17 -0.09 -17.12
C ILE A 326 3.45 -0.02 -18.47
N SER A 327 2.32 -0.71 -18.57
CA SER A 327 1.49 -0.67 -19.79
C SER A 327 0.51 0.48 -19.71
N ASP A 328 0.31 1.18 -20.83
CA ASP A 328 -0.86 2.06 -20.94
C ASP A 328 -2.09 1.23 -21.29
N ALA A 329 -3.21 1.89 -21.56
CA ALA A 329 -4.47 1.17 -21.76
C ALA A 329 -4.50 0.34 -23.06
N PHE A 330 -3.58 0.62 -23.98
CA PHE A 330 -3.52 -0.07 -25.24
C PHE A 330 -2.41 -1.10 -25.34
N GLY A 331 -1.63 -1.24 -24.28
CA GLY A 331 -0.53 -2.20 -24.25
C GLY A 331 0.81 -1.63 -24.68
N ASN A 332 0.90 -0.31 -24.89
CA ASN A 332 2.20 0.33 -25.16
C ASN A 332 2.95 0.60 -23.85
N PRO A 333 4.27 0.42 -23.84
CA PRO A 333 5.05 0.70 -22.63
C PRO A 333 5.13 2.19 -22.32
N ARG A 334 5.11 2.49 -21.03
CA ARG A 334 5.21 3.83 -20.51
C ARG A 334 6.16 3.78 -19.31
N GLU A 335 7.21 4.59 -19.38
CA GLU A 335 8.20 4.66 -18.34
C GLU A 335 7.75 5.66 -17.27
N ILE A 336 7.90 5.28 -16.01
CA ILE A 336 7.78 6.23 -14.90
C ILE A 336 9.19 6.66 -14.54
N ARG A 337 9.62 7.78 -15.11
CA ARG A 337 10.99 8.25 -14.97
C ARG A 337 11.26 8.57 -13.51
N ASN A 338 12.36 8.04 -12.99
CA ASN A 338 12.77 8.28 -11.61
C ASN A 338 11.65 7.99 -10.59
N GLY A 339 10.93 6.90 -10.83
CA GLY A 339 9.79 6.53 -10.01
C GLY A 339 10.17 5.84 -8.70
N ILE A 340 11.39 5.29 -8.64
CA ILE A 340 11.86 4.61 -7.41
C ILE A 340 13.19 5.22 -6.98
N CYS A 341 13.26 5.70 -5.73
CA CYS A 341 14.51 6.20 -5.16
C CYS A 341 15.18 5.15 -4.30
N MET A 342 16.50 5.09 -4.43
CA MET A 342 17.33 4.21 -3.62
C MET A 342 18.52 5.01 -3.13
N HIS A 343 18.71 5.02 -1.81
CA HIS A 343 19.89 5.64 -1.22
C HIS A 343 20.15 5.08 0.16
N GLU A 344 21.38 5.30 0.64
CA GLU A 344 21.68 4.96 2.04
C GLU A 344 21.78 6.24 2.82
N GLU A 345 21.46 6.17 4.12
CA GLU A 345 21.63 7.33 4.98
C GLU A 345 22.09 6.98 6.37
N ASP A 346 22.75 7.94 6.98
CA ASP A 346 23.21 7.81 8.34
C ASP A 346 21.99 7.66 9.24
N TRP A 347 22.10 6.83 10.26
CA TRP A 347 20.98 6.61 11.20
C TRP A 347 21.47 6.68 12.67
N GLY A 348 22.29 7.67 12.96
CA GLY A 348 22.70 7.95 14.33
C GLY A 348 23.60 6.88 14.90
N ILE A 349 23.55 6.71 16.21
CA ILE A 349 24.43 5.76 16.88
C ILE A 349 23.89 4.34 16.75
N LEU A 350 24.77 3.40 16.42
CA LEU A 350 24.41 2.00 16.32
C LEU A 350 24.61 1.28 17.64
N ALA A 351 25.76 1.53 18.26
CA ALA A 351 26.16 0.90 19.50
C ALA A 351 27.21 1.74 20.18
N LYS A 352 27.17 1.78 21.50
CA LYS A 352 28.05 2.63 22.26
C LYS A 352 28.21 2.10 23.67
N HIS A 353 29.47 2.03 24.12
CA HIS A 353 29.76 1.76 25.51
C HIS A 353 31.09 2.36 25.93
N SER A 354 31.09 3.01 27.09
CA SER A 354 32.31 3.51 27.69
C SER A 354 32.53 2.73 28.97
N ASP A 355 33.51 1.83 28.99
CA ASP A 355 33.60 0.89 30.12
C ASP A 355 34.56 1.36 31.18
N LEU A 356 34.10 1.46 32.43
CA LEU A 356 34.96 1.89 33.53
C LEU A 356 36.12 0.91 33.74
N TRP A 357 35.85 -0.38 33.76
CA TRP A 357 36.87 -1.34 34.13
C TRP A 357 37.92 -1.60 33.05
N SER A 358 37.51 -1.66 31.79
CA SER A 358 38.45 -1.93 30.71
C SER A 358 39.16 -0.66 30.19
N GLY A 359 38.57 0.49 30.47
CA GLY A 359 39.05 1.75 29.91
C GLY A 359 38.73 1.97 28.43
N ILE A 360 37.98 1.06 27.82
CA ILE A 360 37.70 1.12 26.38
C ILE A 360 36.42 1.89 26.15
N ASN A 361 36.52 2.91 25.30
CA ASN A 361 35.37 3.67 24.80
C ASN A 361 35.14 3.33 23.33
N TYR A 362 33.89 3.00 23.02
CA TYR A 362 33.54 2.42 21.74
C TYR A 362 32.28 3.08 21.26
N THR A 363 32.30 3.56 20.03
CA THR A 363 31.11 4.11 19.41
C THR A 363 31.06 3.68 17.95
N ARG A 364 29.89 3.25 17.49
CA ARG A 364 29.71 2.93 16.07
C ARG A 364 28.44 3.59 15.54
N ARG A 365 28.46 4.01 14.27
CA ARG A 365 27.30 4.65 13.64
C ARG A 365 26.46 3.66 12.90
N ASN A 366 25.14 3.89 12.90
CA ASN A 366 24.20 3.10 12.13
C ASN A 366 23.99 3.72 10.76
N ARG A 367 23.48 2.91 9.83
CA ARG A 367 22.93 3.42 8.57
C ARG A 367 21.80 2.53 8.12
N ARG A 368 21.00 3.07 7.21
CA ARG A 368 19.96 2.29 6.59
C ARG A 368 19.90 2.52 5.08
N MET A 369 19.58 1.45 4.38
CA MET A 369 19.24 1.49 2.97
C MET A 369 17.75 1.80 2.86
N VAL A 370 17.42 2.75 1.99
CA VAL A 370 16.06 3.22 1.79
C VAL A 370 15.66 2.94 0.34
N ILE A 371 14.51 2.28 0.18
CA ILE A 371 13.89 2.07 -1.11
C ILE A 371 12.47 2.60 -1.08
N SER A 372 12.19 3.60 -1.90
CA SER A 372 10.90 4.30 -1.81
C SER A 372 10.30 4.72 -3.12
N PHE A 373 8.99 4.96 -3.08
CA PHE A 373 8.26 5.66 -4.13
C PHE A 373 7.15 6.50 -3.50
N PHE A 374 6.61 7.42 -4.29
CA PHE A 374 5.53 8.29 -3.86
C PHE A 374 4.45 8.26 -4.90
N THR A 375 3.20 8.09 -4.49
CA THR A 375 2.10 8.03 -5.42
C THR A 375 1.06 9.09 -5.07
N THR A 376 0.22 9.44 -6.03
CA THR A 376 -0.85 10.41 -5.84
C THR A 376 -2.15 9.79 -6.29
N ILE A 377 -3.14 9.77 -5.42
CA ILE A 377 -4.46 9.26 -5.74
C ILE A 377 -5.45 10.39 -5.42
N GLY A 378 -5.81 11.19 -6.41
CA GLY A 378 -6.69 12.33 -6.23
C GLY A 378 -6.13 13.39 -5.30
N ASN A 379 -6.77 13.55 -4.14
CA ASN A 379 -6.30 14.46 -3.10
C ASN A 379 -5.14 13.92 -2.26
N ASP A 381 -1.59 11.86 -1.25
CA ASP A 381 -0.27 11.46 -1.74
C ASP A 381 0.38 10.62 -0.64
N TYR A 382 0.90 9.46 -1.02
CA TYR A 382 1.51 8.55 -0.08
C TYR A 382 2.92 8.20 -0.50
N GLY A 383 3.85 8.25 0.45
CA GLY A 383 5.19 7.72 0.32
C GLY A 383 5.26 6.33 0.95
N PHE A 384 5.82 5.37 0.23
CA PHE A 384 6.02 4.01 0.70
C PHE A 384 7.53 3.82 0.83
N TYR A 385 8.00 3.55 2.04
CA TYR A 385 9.44 3.44 2.34
C TYR A 385 9.75 2.11 2.97
N TRP A 386 10.70 1.40 2.37
CA TRP A 386 11.30 0.20 2.96
C TRP A 386 12.71 0.52 3.41
N TYR A 387 13.07 0.06 4.61
CA TYR A 387 14.35 0.30 5.25
C TYR A 387 15.03 -1.01 5.65
N LEU A 388 16.31 -1.13 5.34
CA LEU A 388 17.15 -2.22 5.80
C LEU A 388 18.26 -1.58 6.63
N TYR A 389 18.46 -2.10 7.85
CA TYR A 389 19.43 -1.53 8.78
C TYR A 389 20.64 -2.45 8.95
N LEU A 390 21.76 -1.88 9.38
CA LEU A 390 23.00 -2.66 9.55
C LEU A 390 22.79 -3.86 10.46
N ASP A 391 21.97 -3.68 11.49
CA ASP A 391 21.80 -4.68 12.54
C ASP A 391 20.80 -5.79 12.20
N GLY A 392 20.26 -5.79 10.99
CA GLY A 392 19.39 -6.85 10.54
C GLY A 392 17.91 -6.47 10.57
N THR A 393 17.61 -5.31 11.12
CA THR A 393 16.21 -4.85 11.19
C THR A 393 15.66 -4.50 9.81
N ILE A 394 14.40 -4.86 9.56
CA ILE A 394 13.68 -4.53 8.35
C ILE A 394 12.47 -3.69 8.78
N GLU A 395 12.24 -2.57 8.11
CA GLU A 395 11.13 -1.68 8.47
C GLU A 395 10.39 -1.19 7.24
N PHE A 396 9.08 -1.00 7.38
CA PHE A 396 8.28 -0.27 6.43
C PHE A 396 7.66 0.96 7.10
N GLU A 397 7.58 2.05 6.35
CA GLU A 397 6.92 3.26 6.79
C GLU A 397 6.13 3.83 5.63
N ALA A 398 4.86 4.15 5.91
CA ALA A 398 4.03 4.93 4.99
C ALA A 398 3.99 6.37 5.47
N LYS A 399 4.19 7.31 4.55
CA LYS A 399 4.04 8.73 4.84
C LYS A 399 2.82 9.28 4.10
N ALA A 400 1.85 9.77 4.85
CA ALA A 400 0.60 10.27 4.30
C ALA A 400 0.59 11.78 4.30
N THR A 401 0.32 12.35 3.14
CA THR A 401 0.23 13.79 2.98
C THR A 401 -0.79 14.05 1.85
N GLY A 402 -0.72 15.22 1.20
CA GLY A 402 -1.71 15.62 0.22
C GLY A 402 -2.66 16.64 0.83
N VAL A 403 -3.87 16.70 0.30
CA VAL A 403 -4.91 17.62 0.74
C VAL A 403 -6.02 16.75 1.33
N VAL A 404 -6.51 17.13 2.49
CA VAL A 404 -7.58 16.35 3.12
C VAL A 404 -8.85 16.40 2.28
N PHE A 405 -9.58 15.27 2.26
CA PHE A 405 -10.86 15.20 1.56
C PHE A 405 -11.88 15.98 2.37
N THR A 406 -12.56 16.91 1.72
CA THR A 406 -13.43 17.86 2.43
C THR A 406 -14.90 17.68 2.19
N SER A 407 -15.65 18.40 3.03
CA SER A 407 -17.11 18.46 3.03
C SER A 407 -17.48 19.83 3.57
N ALA A 408 -18.78 20.12 3.66
CA ALA A 408 -19.22 21.25 4.44
C ALA A 408 -19.08 20.89 5.92
N PHE A 409 -18.90 21.90 6.77
CA PHE A 409 -18.97 21.68 8.20
C PHE A 409 -20.36 22.08 8.62
N PRO A 410 -21.15 21.15 9.16
CA PRO A 410 -22.55 21.44 9.50
C PRO A 410 -22.69 22.53 10.56
N GLU A 411 -23.71 23.38 10.38
CA GLU A 411 -24.09 24.32 11.42
C GLU A 411 -24.45 23.51 12.66
N GLY A 412 -23.92 23.90 13.80
CA GLY A 412 -24.17 23.15 15.03
C GLY A 412 -23.25 21.96 15.24
N GLY A 413 -22.27 21.78 14.37
CA GLY A 413 -21.19 20.84 14.59
C GLY A 413 -21.48 19.43 14.11
N SER A 414 -20.53 18.54 14.38
CA SER A 414 -20.61 17.16 13.92
C SER A 414 -19.81 16.23 14.82
N ASP A 415 -20.35 15.04 15.05
CA ASP A 415 -19.60 13.97 15.71
C ASP A 415 -18.68 13.22 14.76
N ASN A 416 -18.75 13.48 13.45
CA ASN A 416 -18.05 12.65 12.48
C ASN A 416 -17.22 13.44 11.47
N ILE A 417 -17.09 14.75 11.70
CA ILE A 417 -16.45 15.69 10.77
C ILE A 417 -15.78 16.75 11.62
N SER A 418 -14.56 17.15 11.28
CA SER A 418 -13.94 18.27 11.98
C SER A 418 -13.94 19.53 11.13
N GLN A 419 -13.86 20.68 11.77
CA GLN A 419 -13.81 21.96 11.08
C GLN A 419 -12.37 22.38 10.78
N LEU A 420 -12.12 22.80 9.54
CA LEU A 420 -10.78 23.22 9.08
C LEU A 420 -10.63 24.72 8.82
N ALA A 421 -11.74 25.33 8.41
CA ALA A 421 -11.82 26.74 8.01
C ALA A 421 -13.29 27.06 8.09
N PRO A 422 -13.68 28.33 8.01
CA PRO A 422 -15.10 28.69 8.08
C PRO A 422 -15.99 27.94 7.07
N GLY A 423 -16.89 27.12 7.60
CA GLY A 423 -17.79 26.33 6.78
C GLY A 423 -17.17 25.07 6.16
N LEU A 424 -15.89 24.84 6.38
CA LEU A 424 -15.16 23.76 5.72
C LEU A 424 -14.95 22.61 6.71
N GLY A 425 -15.38 21.42 6.33
CA GLY A 425 -15.25 20.21 7.13
C GLY A 425 -14.30 19.19 6.52
N ALA A 426 -13.85 18.26 7.35
CA ALA A 426 -13.04 17.12 6.94
C ALA A 426 -13.62 15.89 7.64
N PRO A 427 -14.29 15.03 6.89
CA PRO A 427 -14.83 13.80 7.48
C PRO A 427 -13.75 12.90 8.07
N PHE A 428 -14.06 12.30 9.21
CA PHE A 428 -13.17 11.37 9.87
C PHE A 428 -12.99 10.15 8.95
N HIS A 429 -11.82 9.54 9.00
CA HIS A 429 -11.50 8.40 8.15
C HIS A 429 -10.29 7.67 8.71
N GLN A 430 -9.98 6.51 8.12
CA GLN A 430 -8.77 5.75 8.44
C GLN A 430 -8.01 5.51 7.13
N HIS A 431 -6.71 5.26 7.25
CA HIS A 431 -5.93 4.78 6.13
C HIS A 431 -5.32 3.47 6.63
N ILE A 432 -5.73 2.34 6.05
CA ILE A 432 -5.31 1.06 6.60
C ILE A 432 -4.64 0.20 5.54
N PHE A 433 -3.45 -0.26 5.87
CA PHE A 433 -2.57 -0.95 4.97
C PHE A 433 -2.54 -2.42 5.36
N SER A 434 -2.27 -3.28 4.38
CA SER A 434 -1.98 -4.69 4.61
C SER A 434 -0.63 -5.01 3.99
N ALA A 435 0.35 -5.37 4.82
CA ALA A 435 1.64 -5.81 4.33
C ALA A 435 1.61 -7.32 4.21
N ARG A 436 1.91 -7.83 3.01
CA ARG A 436 1.99 -9.26 2.78
C ARG A 436 3.47 -9.63 2.76
N LEU A 437 3.84 -10.44 3.75
CA LEU A 437 5.20 -10.89 3.98
C LEU A 437 5.25 -12.40 3.81
N ASP A 438 5.64 -12.81 2.61
CA ASP A 438 5.90 -14.21 2.30
C ASP A 438 7.24 -14.55 2.91
N MET A 439 7.17 -15.18 4.08
CA MET A 439 8.33 -15.39 4.93
C MET A 439 9.24 -16.49 4.39
N ALA A 440 10.54 -16.33 4.63
CA ALA A 440 11.51 -17.39 4.35
C ALA A 440 12.68 -17.34 5.33
N ILE A 441 12.36 -17.44 6.63
CA ILE A 441 13.38 -17.38 7.68
C ILE A 441 14.32 -18.59 7.54
N ASP A 442 15.53 -18.34 7.04
CA ASP A 442 16.50 -19.40 6.77
C ASP A 442 15.93 -20.48 5.83
N GLY A 443 15.07 -20.07 4.91
CA GLY A 443 14.37 -20.98 4.03
C GLY A 443 12.88 -20.97 4.34
N PHE A 444 12.16 -21.86 3.66
CA PHE A 444 10.69 -21.80 3.64
C PHE A 444 9.96 -22.51 4.80
N THR A 445 10.64 -23.38 5.52
CA THR A 445 10.02 -24.11 6.62
C THR A 445 9.92 -23.18 7.83
N ASN A 446 8.77 -22.52 7.99
CA ASN A 446 8.61 -21.49 9.00
C ASN A 446 7.37 -21.75 9.87
N ARG A 447 7.32 -21.09 11.02
CA ARG A 447 6.15 -21.08 11.89
C ARG A 447 6.09 -19.73 12.59
N VAL A 448 4.91 -19.38 13.09
CA VAL A 448 4.66 -18.16 13.83
C VAL A 448 4.20 -18.47 15.24
N GLU A 449 4.78 -17.75 16.20
CA GLU A 449 4.36 -17.76 17.58
C GLU A 449 3.92 -16.37 17.98
N GLU A 450 2.89 -16.31 18.79
CA GLU A 450 2.46 -15.07 19.42
C GLU A 450 3.13 -15.02 20.79
N GLU A 451 3.84 -13.93 21.05
CA GLU A 451 4.56 -13.78 22.32
C GLU A 451 3.94 -12.67 23.14
N ASP A 452 3.52 -13.02 24.37
CA ASP A 452 2.98 -12.08 25.33
C ASP A 452 3.89 -12.01 26.54
N VAL A 453 4.00 -10.84 27.13
CA VAL A 453 4.58 -10.68 28.45
C VAL A 453 3.64 -11.37 29.45
N VAL A 454 4.24 -11.99 30.47
CA VAL A 454 3.51 -12.70 31.52
C VAL A 454 3.86 -12.10 32.87
N ARG A 455 2.87 -11.51 33.53
CA ARG A 455 3.07 -11.02 34.88
C ARG A 455 2.94 -12.17 35.87
N GLN A 456 3.67 -12.08 36.97
CA GLN A 456 3.74 -13.12 38.00
C GLN A 456 3.34 -12.55 39.35
N THR A 457 2.65 -13.38 40.14
CA THR A 457 2.20 -13.04 41.48
C THR A 457 3.27 -13.26 42.53
N MET A 458 3.33 -12.34 43.49
CA MET A 458 4.22 -12.44 44.62
C MET A 458 3.78 -13.67 45.41
N GLY A 459 4.75 -14.49 45.82
CA GLY A 459 4.46 -15.72 46.53
C GLY A 459 5.67 -16.64 46.44
N PRO A 460 5.49 -17.90 46.81
CA PRO A 460 6.58 -18.88 46.71
C PRO A 460 7.24 -18.92 45.33
N GLY A 461 8.56 -18.85 45.32
CA GLY A 461 9.35 -18.76 44.10
C GLY A 461 9.52 -17.33 43.59
N ASN A 462 8.83 -16.38 44.21
CA ASN A 462 8.81 -14.97 43.75
C ASN A 462 8.47 -14.11 44.94
N GLU A 463 9.25 -14.26 46.01
CA GLU A 463 8.87 -13.73 47.32
C GLU A 463 8.90 -12.20 47.37
N ARG A 464 9.75 -11.59 46.54
CA ARG A 464 9.82 -10.14 46.42
C ARG A 464 8.88 -9.52 45.38
N GLY A 465 8.18 -10.34 44.59
CA GLY A 465 7.16 -9.84 43.69
C GLY A 465 7.75 -9.07 42.51
N ASN A 466 8.95 -9.46 42.10
CA ASN A 466 9.63 -8.77 41.00
C ASN A 466 9.66 -9.53 39.69
N ALA A 467 9.43 -10.83 39.74
CA ALA A 467 9.56 -11.68 38.55
C ALA A 467 8.56 -11.31 37.48
N PHE A 468 9.00 -11.38 36.23
CA PHE A 468 8.09 -11.39 35.08
C PHE A 468 8.71 -12.23 33.98
N SER A 469 7.86 -12.66 33.06
CA SER A 469 8.25 -13.65 32.09
C SER A 469 7.54 -13.35 30.78
N ARG A 470 7.48 -14.36 29.92
CA ARG A 470 6.82 -14.28 28.64
C ARG A 470 6.36 -15.68 28.25
N LYS A 471 5.40 -15.74 27.35
CA LYS A 471 4.90 -17.00 26.82
C LYS A 471 4.80 -16.91 25.31
N ARG A 472 5.01 -18.04 24.66
CA ARG A 472 4.89 -18.13 23.22
C ARG A 472 3.87 -19.21 22.88
N THR A 473 2.98 -18.89 21.95
CA THR A 473 1.94 -19.81 21.49
C THR A 473 2.13 -20.01 19.99
N VAL A 474 2.43 -21.24 19.58
CA VAL A 474 2.57 -21.55 18.16
C VAL A 474 1.19 -21.54 17.53
N LEU A 475 1.09 -20.89 16.37
CA LEU A 475 -0.12 -20.91 15.56
C LEU A 475 0.03 -22.09 14.62
N THR A 476 -0.75 -23.14 14.85
CA THR A 476 -0.47 -24.40 14.17
C THR A 476 -1.24 -24.56 12.87
N ARG A 477 -2.41 -23.94 12.78
CA ARG A 477 -3.26 -24.06 11.60
C ARG A 477 -3.96 -22.73 11.32
N GLU A 478 -4.39 -22.55 10.07
CA GLU A 478 -4.91 -21.25 9.67
C GLU A 478 -6.11 -20.80 10.52
N SER A 479 -6.93 -21.73 11.02
CA SER A 479 -8.11 -21.36 11.81
C SER A 479 -7.74 -20.64 13.12
N GLU A 480 -6.53 -20.87 13.61
CA GLU A 480 -6.03 -20.29 14.86
C GLU A 480 -5.11 -19.09 14.60
N ALA A 481 -4.99 -18.67 13.36
CA ALA A 481 -3.97 -17.68 13.02
C ALA A 481 -4.51 -16.32 12.63
N VAL A 482 -5.70 -15.98 13.11
CA VAL A 482 -6.23 -14.63 12.96
C VAL A 482 -6.15 -13.95 14.31
N ARG A 483 -5.22 -13.01 14.45
CA ARG A 483 -4.81 -12.49 15.74
C ARG A 483 -5.02 -10.99 15.88
N GLU A 484 -5.25 -10.57 17.11
CA GLU A 484 -5.36 -9.16 17.44
C GLU A 484 -4.17 -8.69 18.28
N ALA A 485 -3.95 -7.38 18.25
CA ALA A 485 -2.94 -6.71 19.05
C ALA A 485 -3.30 -6.80 20.53
N ASP A 486 -2.27 -6.73 21.37
CA ASP A 486 -2.47 -6.50 22.79
C ASP A 486 -1.27 -5.72 23.31
N ALA A 487 -1.32 -4.39 23.18
CA ALA A 487 -0.21 -3.52 23.52
C ALA A 487 0.14 -3.61 25.01
N ARG A 488 -0.88 -3.77 25.85
CA ARG A 488 -0.70 -3.79 27.29
C ARG A 488 0.18 -4.95 27.73
N THR A 489 0.10 -6.07 26.99
CA THR A 489 0.93 -7.24 27.29
C THR A 489 2.14 -7.36 26.37
N GLY A 490 2.46 -6.28 25.65
CA GLY A 490 3.63 -6.27 24.80
C GLY A 490 3.62 -7.32 23.71
N ARG A 491 2.44 -7.63 23.18
CA ARG A 491 2.31 -8.70 22.20
C ARG A 491 3.05 -8.45 20.90
N THR A 492 3.87 -9.43 20.53
CA THR A 492 4.53 -9.48 19.24
C THR A 492 4.34 -10.85 18.61
N TRP A 493 4.85 -11.02 17.38
CA TRP A 493 4.76 -12.30 16.70
C TRP A 493 6.14 -12.63 16.16
N ILE A 494 6.59 -13.84 16.45
CA ILE A 494 7.91 -14.33 16.02
C ILE A 494 7.73 -15.33 14.91
N ILE A 495 8.41 -15.09 13.80
CA ILE A 495 8.49 -16.07 12.70
C ILE A 495 9.82 -16.78 12.83
N SER A 496 9.80 -18.10 13.02
CA SER A 496 11.02 -18.88 13.19
C SER A 496 11.08 -20.04 12.21
N ASN A 497 12.26 -20.62 12.10
CA ASN A 497 12.46 -21.84 11.34
C ASN A 497 12.78 -22.93 12.34
N PRO A 498 11.85 -23.85 12.58
CA PRO A 498 12.05 -24.90 13.61
C PRO A 498 13.14 -25.91 13.26
N GLU A 499 13.58 -25.95 12.01
CA GLU A 499 14.65 -26.86 11.59
C GLU A 499 16.02 -26.20 11.46
N SER A 500 16.09 -24.90 11.73
CA SER A 500 17.36 -24.16 11.66
C SER A 500 17.65 -23.53 13.00
N LYS A 501 18.68 -24.03 13.68
CA LYS A 501 18.97 -23.60 15.04
C LYS A 501 20.25 -22.76 15.10
N ASN A 502 20.29 -21.78 16.01
CA ASN A 502 21.50 -20.97 16.21
C ASN A 502 22.48 -21.75 17.09
N ARG A 503 23.63 -21.16 17.40
CA ARG A 503 24.67 -21.87 18.14
C ARG A 503 24.24 -22.25 19.56
N LEU A 504 23.20 -21.58 20.07
CA LEU A 504 22.64 -21.91 21.39
C LEU A 504 21.50 -22.93 21.35
N ASN A 505 21.36 -23.62 20.21
CA ASN A 505 20.34 -24.64 19.99
C ASN A 505 18.89 -24.15 20.02
N GLU A 506 18.71 -22.87 19.70
CA GLU A 506 17.37 -22.26 19.62
C GLU A 506 17.01 -22.01 18.14
N PRO A 507 15.76 -22.26 17.75
CA PRO A 507 15.28 -21.90 16.42
C PRO A 507 15.53 -20.43 16.11
N VAL A 508 16.09 -20.17 14.94
CA VAL A 508 16.35 -18.82 14.45
C VAL A 508 15.02 -18.13 14.16
N GLY A 509 14.98 -16.83 14.34
CA GLY A 509 13.74 -16.11 14.12
C GLY A 509 13.88 -14.64 13.96
N TYR A 510 12.74 -14.03 13.61
CA TYR A 510 12.54 -12.60 13.47
C TYR A 510 11.24 -12.24 14.19
N LYS A 511 11.27 -11.13 14.93
CA LYS A 511 10.11 -10.66 15.71
C LYS A 511 9.49 -9.46 15.03
N LEU A 512 8.20 -9.54 14.78
CA LEU A 512 7.41 -8.45 14.23
C LEU A 512 6.86 -7.57 15.33
N HIS A 513 7.22 -6.29 15.26
CA HIS A 513 6.80 -5.28 16.23
C HIS A 513 5.83 -4.36 15.53
N ALA A 514 4.58 -4.40 15.95
CA ALA A 514 3.54 -3.55 15.43
C ALA A 514 3.38 -2.28 16.25
N HIS A 515 2.70 -1.30 15.68
CA HIS A 515 2.48 -0.02 16.31
C HIS A 515 1.22 -0.05 17.18
N ASN A 516 0.38 -1.07 16.97
CA ASN A 516 -0.83 -1.30 17.75
C ASN A 516 -1.84 -0.15 17.66
N GLN A 517 -1.94 0.46 16.48
CA GLN A 517 -2.94 1.46 16.17
C GLN A 517 -4.31 0.78 16.00
N PRO A 518 -5.39 1.51 16.16
CA PRO A 518 -6.71 0.91 15.95
C PRO A 518 -6.88 0.28 14.57
N THR A 519 -7.63 -0.82 14.55
CA THR A 519 -8.00 -1.49 13.30
C THR A 519 -9.33 -0.91 12.78
N LEU A 520 -9.93 -1.54 11.79
CA LEU A 520 -11.13 -1.00 11.13
C LEU A 520 -12.22 -0.75 12.15
N LEU A 521 -12.75 0.48 12.17
CA LEU A 521 -13.72 0.89 13.20
C LEU A 521 -15.17 0.60 12.85
N ALA A 522 -15.47 0.44 11.58
CA ALA A 522 -16.84 0.24 11.08
C ALA A 522 -17.54 -0.92 11.78
N ASP A 523 -18.86 -0.81 11.89
CA ASP A 523 -19.66 -1.90 12.45
C ASP A 523 -19.34 -3.21 11.71
N PRO A 524 -19.21 -4.34 12.41
CA PRO A 524 -18.93 -5.63 11.74
C PRO A 524 -19.96 -6.07 10.70
N GLY A 525 -21.17 -5.52 10.71
CA GLY A 525 -22.20 -5.81 9.72
C GLY A 525 -22.21 -4.90 8.50
N SER A 526 -21.28 -3.96 8.42
CA SER A 526 -21.20 -3.07 7.28
C SER A 526 -20.62 -3.74 6.05
N SER A 527 -20.88 -3.11 4.90
CA SER A 527 -20.30 -3.53 3.63
C SER A 527 -18.79 -3.45 3.71
N ILE A 528 -18.24 -2.35 4.25
CA ILE A 528 -16.78 -2.24 4.32
C ILE A 528 -16.13 -3.26 5.25
N ALA A 529 -16.80 -3.65 6.34
CA ALA A 529 -16.23 -4.71 7.20
C ALA A 529 -16.11 -6.05 6.47
N ARG A 530 -17.01 -6.29 5.52
CA ARG A 530 -16.95 -7.49 4.69
C ARG A 530 -15.97 -7.40 3.55
N ARG A 531 -15.90 -6.24 2.89
CA ARG A 531 -15.01 -6.08 1.74
C ARG A 531 -13.56 -5.88 2.17
N ALA A 532 -13.36 -5.26 3.33
CA ALA A 532 -12.05 -5.11 3.93
C ALA A 532 -11.94 -5.92 5.23
N ALA A 533 -12.37 -7.17 5.20
CA ALA A 533 -12.30 -8.03 6.38
C ALA A 533 -10.89 -8.12 6.98
N PHE A 534 -9.87 -8.07 6.13
CA PHE A 534 -8.49 -8.12 6.57
C PHE A 534 -8.19 -7.02 7.59
N ALA A 535 -8.90 -5.91 7.45
CA ALA A 535 -8.59 -4.70 8.21
C ALA A 535 -9.16 -4.78 9.61
N THR A 536 -9.97 -5.81 9.89
CA THR A 536 -10.54 -5.97 11.23
C THR A 536 -9.63 -6.65 12.26
N LYS A 537 -8.52 -7.23 11.80
CA LYS A 537 -7.62 -7.97 12.69
C LYS A 537 -6.17 -7.58 12.33
N ASP A 538 -5.30 -7.60 13.33
CA ASP A 538 -3.93 -7.12 13.14
C ASP A 538 -3.00 -8.07 12.39
N LEU A 539 -3.22 -9.37 12.53
CA LEU A 539 -2.30 -10.34 11.98
C LEU A 539 -3.01 -11.59 11.50
N TRP A 540 -2.69 -11.97 10.26
CA TRP A 540 -3.20 -13.21 9.68
C TRP A 540 -2.01 -14.02 9.20
N VAL A 541 -2.10 -15.34 9.33
CA VAL A 541 -1.11 -16.24 8.77
C VAL A 541 -1.78 -17.28 7.88
N THR A 542 -1.32 -17.34 6.63
CA THR A 542 -1.76 -18.36 5.70
C THR A 542 -0.64 -19.26 5.23
N ARG A 543 -1.04 -20.44 4.77
CA ARG A 543 -0.17 -21.30 3.99
C ARG A 543 -0.01 -20.69 2.59
N TYR A 544 1.22 -20.66 2.07
CA TYR A 544 1.46 -20.06 0.77
C TYR A 544 0.70 -20.80 -0.33
N ALA A 545 0.08 -20.03 -1.22
CA ALA A 545 -0.48 -20.52 -2.47
C ALA A 545 -0.27 -19.47 -3.54
N ASP A 546 0.00 -19.88 -4.78
CA ASP A 546 0.35 -18.90 -5.79
C ASP A 546 -0.79 -17.96 -6.17
N ASP A 547 -2.04 -18.36 -5.96
CA ASP A 547 -3.19 -17.51 -6.30
C ASP A 547 -3.76 -16.67 -5.15
N GLU A 548 -3.09 -16.67 -4.00
CA GLU A 548 -3.51 -15.90 -2.83
C GLU A 548 -2.59 -14.70 -2.69
N ARG A 549 -2.88 -13.69 -3.50
CA ARG A 549 -2.00 -12.55 -3.70
C ARG A 549 -2.41 -11.32 -2.86
N TYR A 550 -3.71 -11.08 -2.74
CA TYR A 550 -4.21 -9.86 -2.13
C TYR A 550 -5.21 -10.22 -1.03
N PRO A 551 -5.24 -9.45 0.07
CA PRO A 551 -6.15 -9.81 1.18
C PRO A 551 -7.63 -9.62 0.84
N THR A 552 -7.88 -8.91 -0.26
CA THR A 552 -9.18 -8.57 -0.82
C THR A 552 -9.51 -9.31 -2.14
N GLY A 553 -8.66 -10.27 -2.54
CA GLY A 553 -8.84 -10.93 -3.81
C GLY A 553 -8.37 -10.12 -5.01
N ASP A 554 -8.49 -10.70 -6.19
CA ASP A 554 -7.98 -10.11 -7.41
C ASP A 554 -8.81 -8.94 -7.90
N PHE A 555 -10.12 -8.98 -7.68
CA PHE A 555 -11.00 -7.95 -8.20
C PHE A 555 -11.80 -7.32 -7.05
N VAL A 556 -11.36 -6.14 -6.65
CA VAL A 556 -11.91 -5.46 -5.49
C VAL A 556 -13.05 -4.52 -5.84
N ASN A 557 -12.92 -3.84 -6.98
CA ASN A 557 -13.89 -2.85 -7.44
C ASN A 557 -15.32 -3.44 -7.52
N GLN A 558 -16.23 -2.87 -6.74
CA GLN A 558 -17.64 -3.25 -6.74
C GLN A 558 -17.81 -4.74 -6.46
N HIS A 559 -16.94 -5.27 -5.63
CA HIS A 559 -16.97 -6.68 -5.31
C HIS A 559 -17.32 -6.87 -3.85
N SER A 560 -18.35 -7.65 -3.60
CA SER A 560 -18.76 -7.95 -2.24
C SER A 560 -17.72 -8.84 -1.55
N GLY A 561 -18.00 -9.22 -0.32
CA GLY A 561 -17.26 -10.26 0.36
C GLY A 561 -17.42 -11.56 -0.40
N GLY A 562 -16.54 -12.51 -0.10
CA GLY A 562 -16.52 -13.83 -0.73
C GLY A 562 -15.11 -14.31 -1.10
N ALA A 563 -14.20 -13.37 -1.29
CA ALA A 563 -12.83 -13.69 -1.70
C ALA A 563 -11.86 -13.16 -0.62
N GLY A 564 -10.56 -13.21 -0.90
CA GLY A 564 -9.59 -12.71 0.04
C GLY A 564 -9.38 -13.56 1.27
N LEU A 565 -8.80 -12.94 2.29
CA LEU A 565 -8.28 -13.66 3.46
C LEU A 565 -9.27 -14.56 4.19
N PRO A 566 -10.50 -14.11 4.44
CA PRO A 566 -11.48 -15.01 5.09
C PRO A 566 -11.69 -16.30 4.30
N SER A 567 -11.69 -16.23 2.98
CA SER A 567 -11.86 -17.43 2.17
C SER A 567 -10.59 -18.29 2.19
N TYR A 568 -9.42 -17.65 2.20
CA TYR A 568 -8.16 -18.41 2.24
C TYR A 568 -8.04 -19.24 3.52
N ILE A 569 -8.29 -18.63 4.67
CA ILE A 569 -8.04 -19.33 5.93
C ILE A 569 -9.07 -20.43 6.23
N ALA A 570 -10.24 -20.39 5.58
CA ALA A 570 -11.22 -21.48 5.70
C ALA A 570 -10.67 -22.86 5.32
N GLN A 571 -9.60 -22.86 4.52
CA GLN A 571 -8.94 -24.10 4.12
C GLN A 571 -8.25 -24.79 5.31
N ASP A 572 -8.04 -24.04 6.39
CA ASP A 572 -7.51 -24.53 7.66
C ASP A 572 -6.24 -25.36 7.51
N ARG A 573 -5.30 -24.84 6.73
CA ARG A 573 -4.10 -25.58 6.34
C ARG A 573 -3.06 -25.54 7.44
N ASP A 574 -2.15 -26.50 7.42
CA ASP A 574 -1.04 -26.59 8.37
C ASP A 574 -0.06 -25.44 8.11
N ILE A 575 0.28 -24.68 9.15
CA ILE A 575 1.25 -23.58 9.06
C ILE A 575 2.37 -23.73 10.09
N ASP A 576 2.49 -24.92 10.67
CA ASP A 576 3.48 -25.20 11.69
C ASP A 576 4.69 -25.90 11.04
N GLY A 577 5.62 -25.09 10.55
CA GLY A 577 6.78 -25.60 9.85
C GLY A 577 6.44 -25.85 8.40
N GLN A 578 5.93 -24.80 7.74
CA GLN A 578 5.54 -24.84 6.35
C GLN A 578 5.85 -23.51 5.68
N ASP A 579 5.60 -23.43 4.39
CA ASP A 579 5.79 -22.20 3.62
C ASP A 579 4.59 -21.30 3.91
N ILE A 580 4.82 -20.25 4.70
CA ILE A 580 3.75 -19.39 5.17
C ILE A 580 3.92 -17.92 4.79
N VAL A 581 2.82 -17.20 4.95
CA VAL A 581 2.68 -15.81 4.59
C VAL A 581 2.01 -15.11 5.75
N VAL A 582 2.62 -14.01 6.18
CA VAL A 582 2.08 -13.17 7.24
C VAL A 582 1.46 -11.93 6.59
N TRP A 583 0.26 -11.60 7.03
CA TRP A 583 -0.44 -10.43 6.53
C TRP A 583 -0.71 -9.51 7.71
N HIS A 584 -0.01 -8.39 7.77
CA HIS A 584 -0.11 -7.49 8.90
C HIS A 584 -0.92 -6.25 8.50
N THR A 585 -2.00 -6.03 9.23
CA THR A 585 -2.85 -4.85 9.08
C THR A 585 -2.33 -3.75 10.01
N PHE A 586 -2.13 -2.55 9.46
CA PHE A 586 -1.73 -1.39 10.27
C PHE A 586 -2.26 -0.12 9.63
N GLY A 587 -2.71 0.83 10.44
CA GLY A 587 -3.29 2.03 9.86
C GLY A 587 -3.24 3.25 10.74
N LEU A 588 -3.63 4.37 10.14
CA LEU A 588 -3.79 5.66 10.82
C LEU A 588 -5.25 5.98 10.93
N THR A 589 -5.68 6.40 12.11
CA THR A 589 -7.03 6.86 12.31
C THR A 589 -6.96 8.40 12.36
N HIS A 590 -7.64 9.06 11.42
CA HIS A 590 -7.42 10.49 11.17
C HIS A 590 -8.69 11.29 11.50
N PHE A 591 -8.55 12.12 12.53
CA PHE A 591 -9.51 13.15 12.88
C PHE A 591 -8.83 14.43 12.47
N PRO A 592 -9.13 14.94 11.28
CA PRO A 592 -8.32 16.05 10.76
C PRO A 592 -8.33 17.27 11.67
N ARG A 593 -7.18 17.91 11.72
CA ARG A 593 -6.96 19.07 12.55
C ARG A 593 -6.80 20.27 11.65
N VAL A 594 -6.96 21.46 12.23
CA VAL A 594 -6.80 22.69 11.49
C VAL A 594 -5.39 22.75 10.84
N GLU A 595 -4.41 22.18 11.52
CA GLU A 595 -3.02 22.15 11.01
C GLU A 595 -2.84 21.31 9.73
N ASP A 596 -3.82 20.47 9.40
CA ASP A 596 -3.79 19.65 8.17
C ASP A 596 -4.21 20.45 6.94
N TRP A 597 -4.71 21.67 7.15
CA TRP A 597 -5.28 22.51 6.11
C TRP A 597 -4.37 23.72 5.88
N PRO A 598 -4.11 24.16 4.65
CA PRO A 598 -4.67 23.64 3.40
C PRO A 598 -3.91 22.51 2.70
N ILE A 599 -2.74 22.16 3.23
CA ILE A 599 -2.02 20.97 2.77
C ILE A 599 -1.45 20.32 4.00
N MET A 600 -1.56 19.00 4.04
CA MET A 600 -1.28 18.22 5.23
C MET A 600 0.23 17.95 5.44
N PRO A 601 0.77 18.27 6.61
CA PRO A 601 2.10 17.78 7.00
C PRO A 601 2.09 16.28 7.10
N VAL A 602 3.20 15.66 6.75
CA VAL A 602 3.29 14.20 6.75
C VAL A 602 2.99 13.62 8.12
N ASP A 603 2.21 12.55 8.11
CA ASP A 603 2.06 11.67 9.27
C ASP A 603 2.45 10.26 8.84
N THR A 604 2.81 9.41 9.80
CA THR A 604 3.42 8.13 9.49
C THR A 604 2.82 6.98 10.24
N VAL A 605 2.94 5.80 9.65
CA VAL A 605 2.61 4.56 10.31
C VAL A 605 3.43 3.45 9.68
N GLY A 606 3.59 2.34 10.38
CA GLY A 606 4.43 1.27 9.86
C GLY A 606 4.56 0.11 10.83
N PHE A 607 5.65 -0.64 10.63
CA PHE A 607 5.99 -1.80 11.43
C PHE A 607 7.45 -2.13 11.18
N LYS A 608 8.03 -2.98 12.02
CA LYS A 608 9.37 -3.49 11.75
C LYS A 608 9.50 -4.91 12.23
N LEU A 609 10.53 -5.57 11.72
CA LEU A 609 10.91 -6.90 12.16
C LEU A 609 12.39 -6.88 12.54
N ARG A 610 12.69 -7.44 13.70
CA ARG A 610 14.06 -7.46 14.23
C ARG A 610 14.47 -8.90 14.41
N PRO A 611 15.74 -9.21 14.17
CA PRO A 611 16.23 -10.56 14.40
C PRO A 611 16.07 -10.96 15.86
N GLU A 612 15.75 -12.23 16.06
CA GLU A 612 15.44 -12.76 17.38
C GLU A 612 16.12 -14.13 17.46
N GLY A 613 17.37 -14.15 17.87
CA GLY A 613 18.16 -15.37 17.82
C GLY A 613 18.44 -15.88 16.42
N PHE A 614 18.33 -15.01 15.42
CA PHE A 614 18.70 -15.37 14.05
C PHE A 614 20.22 -15.52 13.92
N PHE A 615 20.94 -14.59 14.52
CA PHE A 615 22.38 -14.54 14.47
C PHE A 615 22.94 -15.19 15.73
N ASP A 616 24.21 -15.55 15.69
CA ASP A 616 24.90 -16.17 16.82
C ASP A 616 25.49 -15.18 17.82
N ARG A 617 25.41 -13.90 17.47
CA ARG A 617 25.85 -12.76 18.29
C ARG A 617 25.50 -11.53 17.44
N SER A 618 25.81 -10.33 17.94
CA SER A 618 25.55 -9.13 17.15
C SER A 618 26.14 -9.28 15.74
N PRO A 619 25.38 -8.95 14.70
CA PRO A 619 25.88 -8.99 13.31
C PRO A 619 26.68 -7.74 12.87
N VAL A 620 26.90 -6.80 13.78
CA VAL A 620 27.57 -5.54 13.44
C VAL A 620 28.86 -5.32 14.23
N LEU A 621 29.50 -6.41 14.67
CA LEU A 621 30.83 -6.33 15.30
C LEU A 621 31.94 -5.93 14.34
N ASP A 622 31.70 -6.16 13.05
CA ASP A 622 32.71 -5.87 12.05
C ASP A 622 32.54 -4.50 11.37
N VAL A 623 31.63 -3.68 11.90
CA VAL A 623 31.48 -2.30 11.46
C VAL A 623 32.69 -1.53 11.99
N PRO A 624 33.37 -0.78 11.10
CA PRO A 624 34.57 -0.03 11.51
C PRO A 624 34.24 1.27 12.23
N ALA A 625 35.21 1.81 12.96
CA ALA A 625 35.05 3.12 13.59
C ALA A 625 34.99 4.21 12.52
N ASN A 626 34.36 5.33 12.86
CA ASN A 626 34.45 6.59 12.09
C ASN A 626 34.52 6.42 10.57
#